data_3ZIN
#
_entry.id   3ZIN
#
_cell.length_a   79.094
_cell.length_b   90.262
_cell.length_c   100.704
_cell.angle_alpha   90.00
_cell.angle_beta   90.00
_cell.angle_gamma   90.00
#
_symmetry.space_group_name_H-M   'P 21 21 21'
#
loop_
_entity.id
_entity.type
_entity.pdbx_description
1 polymer 'IMPORTIN SUBUNIT ALPHA-2'
2 polymer 'NUCLEOLAR RNA HELICASE 2'
3 water water
#
loop_
_entity_poly.entity_id
_entity_poly.type
_entity_poly.pdbx_seq_one_letter_code
_entity_poly.pdbx_strand_id
1 'polypeptide(L)'
;SGMKETAAAKFERQHMDSPDLGTDDDDKAMADIGSGTVNWSVEDIVKGINSNNLESQLQATQAARKLLSREKQPPIDNII
RAGLIPKFVSFLGKTDCSPIQFESAWALTNIASGTSEQTKAVVDGGAIPAFISLLASPHAHISEQAVWALGNIAGDGSAF
RDLVIKHGAIDPLLALLAVPDLSTLACGYLRNLTWTLSNLCRNKNPAPPLDAVEQILPTLVRLLHHNDPEVLADSCWAIS
YLTDGPNERIEMVVKKGVVPQLVKLLGATELPIVTPALRAIGNIVTGTDEQTQKVIDAGALAVFPSLLTNPKTNIQKEAT
WTMSNITAGRQDQIQQVVNHGLVPFLVGVLSKADFKTQKEAAWAITNYTSGGTVEQIVYLVHCGIIEPLMNLLSAKDTKI
IQVILDAISNIFQAAEKLGETEKLSIMIEECGGLDKIEALQRHENESVYKASLNLIEKYFS
;
A
2 'polypeptide(L)' SRGQKRSFSKAFGQ B,C
#
# COMPACT_ATOMS: atom_id res chain seq x y z
N GLY A 36 35.37 -5.01 -25.13
CA GLY A 36 35.42 -3.79 -25.94
C GLY A 36 34.93 -2.55 -25.23
N THR A 37 33.71 -2.62 -24.66
CA THR A 37 33.10 -1.49 -23.95
C THR A 37 33.02 -1.77 -22.42
N VAL A 38 33.82 -2.73 -21.94
CA VAL A 38 33.85 -3.11 -20.53
C VAL A 38 34.94 -2.35 -19.77
N ASN A 39 34.55 -1.79 -18.60
CA ASN A 39 35.36 -1.07 -17.60
C ASN A 39 36.10 0.17 -18.17
N TRP A 40 35.39 1.01 -18.94
CA TRP A 40 35.95 2.27 -19.44
C TRP A 40 35.97 3.29 -18.32
N SER A 41 36.95 4.20 -18.33
CA SER A 41 36.97 5.32 -17.38
C SER A 41 35.93 6.36 -17.84
N VAL A 42 35.48 7.26 -16.93
CA VAL A 42 34.53 8.31 -17.28
C VAL A 42 35.16 9.25 -18.33
N GLU A 43 36.47 9.52 -18.21
CA GLU A 43 37.26 10.36 -19.13
C GLU A 43 37.20 9.81 -20.56
N ASP A 44 37.37 8.49 -20.73
CA ASP A 44 37.31 7.84 -22.05
C ASP A 44 35.89 7.91 -22.64
N ILE A 45 34.86 7.74 -21.79
CA ILE A 45 33.45 7.84 -22.20
C ILE A 45 33.19 9.25 -22.75
N VAL A 46 33.66 10.29 -22.02
CA VAL A 46 33.51 11.70 -22.42
C VAL A 46 34.21 11.94 -23.76
N LYS A 47 35.45 11.45 -23.91
CA LYS A 47 36.20 11.60 -25.17
C LYS A 47 35.41 11.00 -26.37
N GLY A 48 34.86 9.80 -26.19
CA GLY A 48 34.08 9.13 -27.22
C GLY A 48 32.79 9.85 -27.58
N ILE A 49 32.03 10.29 -26.58
CA ILE A 49 30.76 11.00 -26.78
C ILE A 49 31.00 12.39 -27.42
N ASN A 50 32.15 13.04 -27.11
CA ASN A 50 32.49 14.36 -27.66
C ASN A 50 33.13 14.29 -29.05
N SER A 51 33.40 13.07 -29.58
CA SER A 51 33.97 12.91 -30.92
C SER A 51 32.92 13.34 -31.95
N ASN A 52 33.31 13.68 -33.16
CA ASN A 52 32.25 14.03 -34.11
C ASN A 52 31.91 12.77 -34.95
N ASN A 53 31.91 11.57 -34.30
CA ASN A 53 31.73 10.28 -34.98
C ASN A 53 30.66 9.47 -34.26
N LEU A 54 29.52 9.24 -34.96
CA LEU A 54 28.35 8.54 -34.42
C LEU A 54 28.69 7.15 -33.86
N GLU A 55 29.55 6.38 -34.55
CA GLU A 55 29.97 5.05 -34.09
C GLU A 55 30.84 5.15 -32.84
N SER A 56 31.73 6.16 -32.77
CA SER A 56 32.53 6.38 -31.56
C SER A 56 31.61 6.76 -30.39
N GLN A 57 30.58 7.59 -30.68
CA GLN A 57 29.61 8.01 -29.66
C GLN A 57 28.81 6.82 -29.18
N LEU A 58 28.39 5.95 -30.10
CA LEU A 58 27.64 4.73 -29.77
C LEU A 58 28.47 3.81 -28.85
N GLN A 59 29.75 3.56 -29.23
CA GLN A 59 30.63 2.71 -28.42
C GLN A 59 30.82 3.30 -27.01
N ALA A 60 31.03 4.63 -26.91
CA ALA A 60 31.20 5.29 -25.61
C ALA A 60 29.89 5.28 -24.78
N THR A 61 28.72 5.39 -25.44
CA THR A 61 27.42 5.36 -24.73
C THR A 61 27.18 3.94 -24.15
N GLN A 62 27.51 2.90 -24.93
CA GLN A 62 27.39 1.51 -24.48
C GLN A 62 28.31 1.29 -23.26
N ALA A 63 29.55 1.83 -23.32
CA ALA A 63 30.51 1.76 -22.22
C ALA A 63 29.93 2.42 -20.96
N ALA A 64 29.25 3.58 -21.09
CA ALA A 64 28.57 4.29 -20.01
C ALA A 64 27.42 3.44 -19.45
N ARG A 65 26.62 2.82 -20.34
CA ARG A 65 25.53 1.95 -19.93
C ARG A 65 26.07 0.80 -19.06
N LYS A 66 27.18 0.16 -19.49
CA LYS A 66 27.78 -0.96 -18.77
C LYS A 66 28.33 -0.51 -17.41
N LEU A 67 28.98 0.67 -17.34
CA LEU A 67 29.48 1.27 -16.10
C LEU A 67 28.32 1.53 -15.11
N LEU A 68 27.22 2.05 -15.65
CA LEU A 68 26.03 2.40 -14.87
C LEU A 68 25.22 1.15 -14.46
N SER A 69 25.49 0.00 -15.10
CA SER A 69 24.81 -1.28 -14.87
C SER A 69 25.51 -2.18 -13.84
N ARG A 70 26.76 -1.84 -13.44
CA ARG A 70 27.53 -2.66 -12.49
C ARG A 70 26.83 -2.69 -11.11
N GLU A 71 26.88 -3.87 -10.45
CA GLU A 71 26.23 -4.13 -9.16
C GLU A 71 26.74 -3.25 -8.02
N LYS A 72 28.07 -3.14 -7.85
CA LYS A 72 28.64 -2.37 -6.75
C LYS A 72 29.02 -0.95 -7.15
N GLN A 73 28.39 0.02 -6.47
CA GLN A 73 28.59 1.47 -6.56
C GLN A 73 28.73 1.99 -8.01
N PRO A 74 27.67 1.96 -8.87
CA PRO A 74 27.82 2.54 -10.22
C PRO A 74 28.16 4.03 -10.13
N PRO A 75 29.12 4.56 -10.94
CA PRO A 75 29.53 5.97 -10.75
C PRO A 75 28.54 6.95 -11.38
N ILE A 76 27.28 6.97 -10.86
CA ILE A 76 26.19 7.83 -11.36
C ILE A 76 26.55 9.32 -11.24
N ASP A 77 26.98 9.77 -10.05
CA ASP A 77 27.33 11.17 -9.81
C ASP A 77 28.48 11.64 -10.71
N ASN A 78 29.48 10.78 -10.94
CA ASN A 78 30.63 11.05 -11.80
C ASN A 78 30.16 11.27 -13.26
N ILE A 79 29.21 10.45 -13.73
CA ILE A 79 28.62 10.57 -15.06
C ILE A 79 27.81 11.88 -15.15
N ILE A 80 27.01 12.22 -14.10
CA ILE A 80 26.24 13.48 -14.09
C ILE A 80 27.22 14.68 -14.14
N ARG A 81 28.22 14.69 -13.25
CA ARG A 81 29.22 15.77 -13.15
C ARG A 81 30.02 15.96 -14.46
N ALA A 82 30.19 14.88 -15.27
CA ALA A 82 30.88 14.97 -16.56
C ALA A 82 29.99 15.62 -17.65
N GLY A 83 28.77 16.01 -17.29
CA GLY A 83 27.80 16.67 -18.18
C GLY A 83 27.24 15.76 -19.27
N LEU A 84 27.14 14.46 -19.01
CA LEU A 84 26.71 13.49 -20.03
C LEU A 84 25.17 13.35 -20.20
N ILE A 85 24.36 13.78 -19.21
CA ILE A 85 22.90 13.61 -19.32
C ILE A 85 22.35 14.36 -20.59
N PRO A 86 22.72 15.64 -20.88
CA PRO A 86 22.20 16.28 -22.12
C PRO A 86 22.60 15.56 -23.40
N LYS A 87 23.80 14.94 -23.43
CA LYS A 87 24.28 14.17 -24.60
C LYS A 87 23.41 12.93 -24.79
N PHE A 88 23.17 12.17 -23.69
CA PHE A 88 22.30 10.98 -23.72
C PHE A 88 20.89 11.34 -24.17
N VAL A 89 20.34 12.48 -23.66
CA VAL A 89 18.99 12.91 -24.04
C VAL A 89 18.94 13.23 -25.54
N SER A 90 19.98 13.91 -26.10
CA SER A 90 19.98 14.19 -27.55
C SER A 90 20.06 12.87 -28.36
N PHE A 91 20.75 11.85 -27.83
CA PHE A 91 20.88 10.53 -28.50
C PHE A 91 19.53 9.78 -28.55
N LEU A 92 18.60 10.08 -27.61
CA LEU A 92 17.26 9.50 -27.60
C LEU A 92 16.48 9.86 -28.88
N GLY A 93 16.78 11.03 -29.45
CA GLY A 93 16.13 11.52 -30.66
C GLY A 93 16.74 11.06 -31.96
N LYS A 94 17.79 10.21 -31.92
CA LYS A 94 18.47 9.73 -33.14
C LYS A 94 17.75 8.50 -33.75
N THR A 95 16.59 8.77 -34.39
CA THR A 95 15.73 7.79 -35.06
C THR A 95 16.54 6.93 -36.07
N ASP A 96 17.54 7.54 -36.72
CA ASP A 96 18.40 6.90 -37.71
C ASP A 96 19.41 5.92 -37.08
N CYS A 97 19.63 5.96 -35.75
CA CYS A 97 20.57 5.04 -35.07
C CYS A 97 19.88 4.44 -33.84
N SER A 98 19.05 3.39 -34.04
CA SER A 98 18.32 2.73 -32.95
C SER A 98 19.27 2.16 -31.86
N PRO A 99 20.48 1.59 -32.15
CA PRO A 99 21.35 1.14 -31.04
C PRO A 99 21.74 2.26 -30.07
N ILE A 100 22.02 3.50 -30.55
CA ILE A 100 22.39 4.59 -29.64
C ILE A 100 21.16 5.07 -28.86
N GLN A 101 19.94 4.94 -29.44
CA GLN A 101 18.71 5.30 -28.71
C GLN A 101 18.55 4.37 -27.53
N PHE A 102 18.78 3.06 -27.76
CA PHE A 102 18.67 2.03 -26.74
C PHE A 102 19.72 2.20 -25.65
N GLU A 103 21.01 2.35 -26.02
CA GLU A 103 22.12 2.51 -25.07
C GLU A 103 21.94 3.75 -24.19
N SER A 104 21.52 4.89 -24.80
CA SER A 104 21.29 6.13 -24.05
C SER A 104 20.05 6.02 -23.17
N ALA A 105 19.00 5.31 -23.63
CA ALA A 105 17.78 5.12 -22.81
C ALA A 105 18.12 4.28 -21.57
N TRP A 106 18.94 3.21 -21.76
CA TRP A 106 19.33 2.33 -20.67
C TRP A 106 20.21 3.11 -19.66
N ALA A 107 21.22 3.87 -20.16
CA ALA A 107 22.10 4.68 -19.31
C ALA A 107 21.27 5.66 -18.45
N LEU A 108 20.32 6.36 -19.08
CA LEU A 108 19.46 7.32 -18.39
C LEU A 108 18.49 6.65 -17.41
N THR A 109 17.99 5.43 -17.73
CA THR A 109 17.11 4.67 -16.82
C THR A 109 17.88 4.33 -15.55
N ASN A 110 19.17 3.95 -15.69
CA ASN A 110 20.04 3.62 -14.56
C ASN A 110 20.24 4.85 -13.67
N ILE A 111 20.39 6.04 -14.27
CA ILE A 111 20.55 7.29 -13.51
C ILE A 111 19.22 7.64 -12.81
N ALA A 112 18.09 7.61 -13.54
CA ALA A 112 16.73 7.94 -13.05
C ALA A 112 16.27 7.00 -11.92
N SER A 113 16.83 5.79 -11.86
CA SER A 113 16.52 4.80 -10.82
C SER A 113 17.22 5.11 -9.47
N GLY A 114 18.12 6.10 -9.46
CA GLY A 114 18.87 6.47 -8.26
C GLY A 114 18.13 7.33 -7.26
N THR A 115 18.84 8.29 -6.64
CA THR A 115 18.26 9.20 -5.64
C THR A 115 17.35 10.22 -6.32
N SER A 116 16.60 11.00 -5.54
CA SER A 116 15.74 12.04 -6.09
C SER A 116 16.55 13.07 -6.87
N GLU A 117 17.76 13.43 -6.36
CA GLU A 117 18.65 14.37 -7.03
C GLU A 117 19.09 13.83 -8.38
N GLN A 118 19.34 12.51 -8.47
CA GLN A 118 19.77 11.85 -9.70
C GLN A 118 18.60 11.77 -10.70
N THR A 119 17.37 11.51 -10.21
CA THR A 119 16.17 11.49 -11.08
C THR A 119 15.91 12.91 -11.61
N LYS A 120 16.07 13.94 -10.73
CA LYS A 120 15.93 15.36 -11.12
C LYS A 120 16.91 15.72 -12.24
N ALA A 121 18.17 15.26 -12.15
CA ALA A 121 19.19 15.55 -13.18
C ALA A 121 18.70 15.04 -14.57
N VAL A 122 18.04 13.89 -14.59
CA VAL A 122 17.50 13.28 -15.83
C VAL A 122 16.34 14.15 -16.34
N VAL A 123 15.39 14.51 -15.45
CA VAL A 123 14.27 15.38 -15.82
C VAL A 123 14.80 16.75 -16.31
N ASP A 124 15.75 17.36 -15.58
CA ASP A 124 16.33 18.67 -15.93
C ASP A 124 17.05 18.65 -17.27
N GLY A 125 17.49 17.47 -17.72
CA GLY A 125 18.15 17.29 -19.01
C GLY A 125 17.18 17.21 -20.17
N GLY A 126 15.88 17.30 -19.87
CA GLY A 126 14.81 17.25 -20.86
C GLY A 126 14.37 15.86 -21.28
N ALA A 127 14.67 14.84 -20.46
CA ALA A 127 14.37 13.44 -20.81
C ALA A 127 12.87 13.09 -20.89
N ILE A 128 11.97 13.78 -20.15
CA ILE A 128 10.55 13.37 -20.14
C ILE A 128 9.96 13.37 -21.57
N PRO A 129 9.95 14.48 -22.36
CA PRO A 129 9.34 14.39 -23.70
C PRO A 129 10.07 13.43 -24.65
N ALA A 130 11.40 13.31 -24.51
CA ALA A 130 12.23 12.41 -25.33
C ALA A 130 11.85 10.96 -25.09
N PHE A 131 11.59 10.57 -23.82
CA PHE A 131 11.14 9.21 -23.49
C PHE A 131 9.72 8.94 -23.97
N ILE A 132 8.81 9.93 -23.84
CA ILE A 132 7.42 9.77 -24.31
C ILE A 132 7.39 9.53 -25.82
N SER A 133 8.26 10.24 -26.58
CA SER A 133 8.37 10.05 -28.05
C SER A 133 8.88 8.65 -28.40
N LEU A 134 9.67 8.03 -27.51
CA LEU A 134 10.20 6.68 -27.73
C LEU A 134 9.19 5.57 -27.42
N LEU A 135 8.06 5.87 -26.76
CA LEU A 135 7.03 4.87 -26.49
C LEU A 135 6.45 4.28 -27.79
N ALA A 136 6.42 5.09 -28.88
CA ALA A 136 5.92 4.69 -30.20
C ALA A 136 7.03 4.08 -31.09
N SER A 137 8.24 3.82 -30.53
CA SER A 137 9.34 3.22 -31.31
C SER A 137 8.93 1.86 -31.91
N PRO A 138 9.32 1.52 -33.17
CA PRO A 138 8.98 0.19 -33.69
C PRO A 138 9.85 -0.91 -33.03
N HIS A 139 10.89 -0.52 -32.24
CA HIS A 139 11.77 -1.48 -31.58
C HIS A 139 11.26 -1.69 -30.18
N ALA A 140 10.77 -2.91 -29.89
CA ALA A 140 10.16 -3.27 -28.60
C ALA A 140 11.12 -3.05 -27.41
N HIS A 141 12.43 -3.36 -27.56
CA HIS A 141 13.39 -3.17 -26.48
C HIS A 141 13.63 -1.68 -26.17
N ILE A 142 13.41 -0.78 -27.17
CA ILE A 142 13.59 0.67 -26.96
C ILE A 142 12.34 1.21 -26.26
N SER A 143 11.15 0.88 -26.78
CA SER A 143 9.84 1.25 -26.19
C SER A 143 9.80 0.82 -24.71
N GLU A 144 10.24 -0.42 -24.39
CA GLU A 144 10.27 -0.94 -23.02
C GLU A 144 11.21 -0.12 -22.11
N GLN A 145 12.37 0.29 -22.64
CA GLN A 145 13.32 1.09 -21.90
C GLN A 145 12.70 2.46 -21.54
N ALA A 146 11.94 3.04 -22.48
CA ALA A 146 11.24 4.31 -22.29
C ALA A 146 10.15 4.15 -21.22
N VAL A 147 9.43 3.00 -21.24
CA VAL A 147 8.39 2.69 -20.22
C VAL A 147 9.06 2.68 -18.83
N TRP A 148 10.20 1.93 -18.73
CA TRP A 148 10.99 1.75 -17.52
C TRP A 148 11.45 3.10 -16.96
N ALA A 149 12.02 3.95 -17.82
CA ALA A 149 12.52 5.27 -17.44
C ALA A 149 11.41 6.18 -16.89
N LEU A 150 10.24 6.19 -17.55
CA LEU A 150 9.11 7.01 -17.14
C LEU A 150 8.53 6.53 -15.81
N GLY A 151 8.56 5.23 -15.55
CA GLY A 151 8.11 4.66 -14.27
C GLY A 151 9.00 5.14 -13.13
N ASN A 152 10.33 5.17 -13.36
CA ASN A 152 11.31 5.68 -12.37
C ASN A 152 11.11 7.17 -12.10
N ILE A 153 10.90 7.96 -13.16
CA ILE A 153 10.68 9.41 -13.03
C ILE A 153 9.38 9.66 -12.25
N ALA A 154 8.26 9.06 -12.69
CA ALA A 154 6.95 9.23 -12.03
C ALA A 154 6.97 8.72 -10.59
N GLY A 155 7.74 7.66 -10.34
CA GLY A 155 7.89 7.05 -9.02
C GLY A 155 8.65 7.91 -8.01
N ASP A 156 9.30 8.98 -8.46
CA ASP A 156 10.05 9.85 -7.56
C ASP A 156 9.13 10.56 -6.54
N GLY A 157 7.95 10.92 -6.97
CA GLY A 157 6.98 11.62 -6.11
C GLY A 157 5.90 12.28 -6.94
N SER A 158 4.98 12.96 -6.24
CA SER A 158 3.79 13.60 -6.81
C SER A 158 4.08 14.59 -7.92
N ALA A 159 5.10 15.47 -7.74
CA ALA A 159 5.43 16.52 -8.71
C ALA A 159 5.90 15.93 -10.03
N PHE A 160 6.86 14.97 -10.00
CA PHE A 160 7.35 14.34 -11.23
C PHE A 160 6.27 13.44 -11.86
N ARG A 161 5.45 12.76 -11.04
CA ARG A 161 4.34 11.95 -11.54
C ARG A 161 3.41 12.86 -12.39
N ASP A 162 3.02 14.02 -11.80
CA ASP A 162 2.12 14.95 -12.46
C ASP A 162 2.77 15.60 -13.67
N LEU A 163 4.09 15.76 -13.66
CA LEU A 163 4.80 16.33 -14.80
C LEU A 163 4.85 15.33 -15.99
N VAL A 164 5.02 14.04 -15.68
CA VAL A 164 5.01 12.98 -16.70
C VAL A 164 3.61 12.95 -17.37
N ILE A 165 2.56 13.09 -16.55
CA ILE A 165 1.16 13.12 -17.02
C ILE A 165 0.94 14.37 -17.91
N LYS A 166 1.44 15.55 -17.47
CA LYS A 166 1.28 16.79 -18.27
C LYS A 166 1.97 16.68 -19.63
N HIS A 167 3.09 15.97 -19.72
CA HIS A 167 3.81 15.79 -20.99
C HIS A 167 3.10 14.76 -21.90
N GLY A 168 1.99 14.20 -21.43
CA GLY A 168 1.13 13.30 -22.19
C GLY A 168 1.54 11.84 -22.26
N ALA A 169 2.11 11.29 -21.19
CA ALA A 169 2.56 9.90 -21.21
C ALA A 169 1.42 8.87 -21.20
N ILE A 170 0.27 9.20 -20.61
CA ILE A 170 -0.81 8.20 -20.41
C ILE A 170 -1.34 7.60 -21.72
N ASP A 171 -1.74 8.43 -22.71
CA ASP A 171 -2.27 7.94 -24.00
C ASP A 171 -1.30 6.93 -24.66
N PRO A 172 0.00 7.23 -24.92
CA PRO A 172 0.88 6.23 -25.58
C PRO A 172 1.17 5.01 -24.69
N LEU A 173 1.18 5.17 -23.35
CA LEU A 173 1.39 4.02 -22.46
C LEU A 173 0.21 3.06 -22.57
N LEU A 174 -1.03 3.59 -22.51
CA LEU A 174 -2.24 2.77 -22.63
C LEU A 174 -2.38 2.13 -24.00
N ALA A 175 -1.94 2.84 -25.07
CA ALA A 175 -1.97 2.32 -26.45
C ALA A 175 -1.11 1.07 -26.59
N LEU A 176 -0.02 0.93 -25.79
CA LEU A 176 0.83 -0.27 -25.83
C LEU A 176 0.09 -1.50 -25.26
N LEU A 177 -0.97 -1.28 -24.46
CA LEU A 177 -1.75 -2.35 -23.85
C LEU A 177 -3.08 -2.58 -24.57
N ALA A 178 -3.36 -1.83 -25.67
CA ALA A 178 -4.62 -1.95 -26.40
C ALA A 178 -4.52 -3.09 -27.42
N VAL A 179 -4.47 -4.32 -26.88
CA VAL A 179 -4.39 -5.56 -27.65
C VAL A 179 -5.60 -6.43 -27.25
N PRO A 180 -6.12 -7.32 -28.14
CA PRO A 180 -7.27 -8.16 -27.74
C PRO A 180 -7.00 -9.07 -26.54
N ASP A 181 -5.77 -9.58 -26.43
CA ASP A 181 -5.37 -10.48 -25.36
C ASP A 181 -3.98 -10.15 -24.85
N LEU A 182 -3.88 -9.76 -23.55
CA LEU A 182 -2.62 -9.40 -22.87
C LEU A 182 -1.56 -10.52 -22.96
N SER A 183 -2.01 -11.79 -23.08
CA SER A 183 -1.14 -12.97 -23.16
C SER A 183 -0.23 -12.97 -24.40
N THR A 184 -0.53 -12.14 -25.45
CA THR A 184 0.33 -12.09 -26.64
C THR A 184 1.55 -11.19 -26.40
N LEU A 185 1.49 -10.30 -25.39
CA LEU A 185 2.61 -9.42 -25.11
C LEU A 185 3.73 -10.19 -24.43
N ALA A 186 4.99 -9.77 -24.63
CA ALA A 186 6.13 -10.38 -23.93
C ALA A 186 5.95 -10.14 -22.42
N CYS A 187 6.20 -11.17 -21.62
CA CYS A 187 6.01 -11.16 -20.18
C CYS A 187 6.71 -9.95 -19.49
N GLY A 188 8.01 -9.79 -19.71
CA GLY A 188 8.80 -8.70 -19.13
C GLY A 188 8.29 -7.33 -19.50
N TYR A 189 7.86 -7.17 -20.76
CA TYR A 189 7.31 -5.94 -21.34
C TYR A 189 6.00 -5.55 -20.61
N LEU A 190 5.08 -6.52 -20.43
CA LEU A 190 3.81 -6.31 -19.73
C LEU A 190 4.04 -5.97 -18.26
N ARG A 191 5.01 -6.65 -17.60
CA ARG A 191 5.36 -6.39 -16.20
C ARG A 191 5.86 -4.96 -16.03
N ASN A 192 6.72 -4.49 -16.97
CA ASN A 192 7.23 -3.11 -16.93
C ASN A 192 6.12 -2.10 -17.14
N LEU A 193 5.20 -2.35 -18.08
CA LEU A 193 4.07 -1.43 -18.34
C LEU A 193 3.17 -1.33 -17.11
N THR A 194 2.86 -2.49 -16.47
CA THR A 194 2.01 -2.51 -15.26
C THR A 194 2.68 -1.71 -14.12
N TRP A 195 3.98 -1.97 -13.90
CA TRP A 195 4.74 -1.28 -12.85
C TRP A 195 4.73 0.25 -13.08
N THR A 196 4.98 0.70 -14.32
CA THR A 196 4.99 2.14 -14.63
C THR A 196 3.58 2.74 -14.37
N LEU A 197 2.52 2.05 -14.81
CA LEU A 197 1.15 2.53 -14.56
C LEU A 197 0.87 2.62 -13.05
N SER A 198 1.38 1.66 -12.24
CA SER A 198 1.21 1.70 -10.79
C SER A 198 1.89 2.94 -10.19
N ASN A 199 3.02 3.38 -10.78
CA ASN A 199 3.71 4.58 -10.29
C ASN A 199 2.92 5.84 -10.63
N LEU A 200 2.15 5.82 -11.75
CA LEU A 200 1.30 6.97 -12.09
C LEU A 200 0.07 7.06 -11.16
N CYS A 201 -0.23 5.97 -10.42
CA CYS A 201 -1.33 5.89 -9.44
C CYS A 201 -0.84 6.20 -8.03
N ARG A 202 0.48 6.15 -7.83
CA ARG A 202 1.12 6.27 -6.53
C ARG A 202 1.28 7.72 -6.02
N ASN A 203 1.44 7.87 -4.69
CA ASN A 203 1.73 9.10 -3.93
C ASN A 203 0.52 9.99 -3.73
N LYS A 204 0.61 10.80 -2.68
CA LYS A 204 -0.44 11.70 -2.23
C LYS A 204 0.13 13.09 -2.02
N ASN A 205 -0.71 14.02 -1.55
CA ASN A 205 -0.36 15.43 -1.30
C ASN A 205 0.32 16.08 -2.54
N PRO A 206 -0.39 16.13 -3.69
CA PRO A 206 -1.75 15.64 -3.94
C PRO A 206 -1.81 14.22 -4.49
N ALA A 207 -3.01 13.63 -4.46
CA ALA A 207 -3.28 12.34 -5.08
C ALA A 207 -3.25 12.55 -6.62
N PRO A 208 -3.11 11.51 -7.48
CA PRO A 208 -3.06 11.76 -8.93
C PRO A 208 -4.30 12.51 -9.45
N PRO A 209 -4.17 13.25 -10.59
CA PRO A 209 -5.34 14.00 -11.12
C PRO A 209 -6.51 13.07 -11.40
N LEU A 210 -7.73 13.50 -11.01
CA LEU A 210 -8.94 12.69 -11.16
C LEU A 210 -9.11 12.13 -12.57
N ASP A 211 -8.91 12.96 -13.62
CA ASP A 211 -9.09 12.54 -15.01
C ASP A 211 -8.01 11.53 -15.43
N ALA A 212 -6.79 11.63 -14.86
CA ALA A 212 -5.72 10.65 -15.14
C ALA A 212 -6.13 9.29 -14.56
N VAL A 213 -6.69 9.29 -13.33
CA VAL A 213 -7.15 8.08 -12.65
C VAL A 213 -8.27 7.44 -13.48
N GLU A 214 -9.25 8.25 -13.93
CA GLU A 214 -10.36 7.74 -14.74
C GLU A 214 -9.85 7.13 -16.05
N GLN A 215 -8.84 7.75 -16.66
CA GLN A 215 -8.25 7.28 -17.92
C GLN A 215 -7.52 5.93 -17.76
N ILE A 216 -6.77 5.75 -16.66
CA ILE A 216 -6.00 4.53 -16.38
C ILE A 216 -6.89 3.35 -15.90
N LEU A 217 -7.88 3.63 -15.03
CA LEU A 217 -8.70 2.59 -14.37
C LEU A 217 -9.21 1.46 -15.30
N PRO A 218 -9.82 1.66 -16.52
CA PRO A 218 -10.25 0.48 -17.31
C PRO A 218 -9.11 -0.49 -17.66
N THR A 219 -7.88 0.02 -17.93
CA THR A 219 -6.72 -0.84 -18.24
C THR A 219 -6.28 -1.56 -16.97
N LEU A 220 -6.28 -0.86 -15.85
CA LEU A 220 -5.93 -1.45 -14.55
C LEU A 220 -6.87 -2.62 -14.21
N VAL A 221 -8.19 -2.46 -14.46
CA VAL A 221 -9.19 -3.49 -14.20
C VAL A 221 -8.85 -4.75 -15.04
N ARG A 222 -8.44 -4.53 -16.29
CA ARG A 222 -8.05 -5.61 -17.20
C ARG A 222 -6.76 -6.33 -16.73
N LEU A 223 -5.77 -5.58 -16.22
CA LEU A 223 -4.50 -6.14 -15.71
C LEU A 223 -4.75 -6.97 -14.43
N LEU A 224 -5.74 -6.57 -13.61
CA LEU A 224 -6.15 -7.26 -12.39
C LEU A 224 -6.73 -8.68 -12.70
N HIS A 225 -7.12 -8.92 -13.97
CA HIS A 225 -7.67 -10.23 -14.38
C HIS A 225 -6.65 -11.04 -15.18
N HIS A 226 -5.40 -10.55 -15.28
CA HIS A 226 -4.33 -11.24 -16.00
C HIS A 226 -3.80 -12.42 -15.13
N ASN A 227 -3.11 -13.39 -15.74
CA ASN A 227 -2.69 -14.57 -14.97
C ASN A 227 -1.23 -14.51 -14.45
N ASP A 228 -0.46 -13.48 -14.79
CA ASP A 228 0.94 -13.39 -14.32
C ASP A 228 0.99 -12.85 -12.88
N PRO A 229 1.66 -13.56 -11.94
CA PRO A 229 1.71 -13.10 -10.55
C PRO A 229 2.30 -11.69 -10.33
N GLU A 230 3.35 -11.32 -11.09
CA GLU A 230 3.99 -10.00 -10.95
C GLU A 230 3.06 -8.89 -11.44
N VAL A 231 2.32 -9.12 -12.52
CA VAL A 231 1.34 -8.16 -13.07
C VAL A 231 0.21 -8.00 -12.05
N LEU A 232 -0.26 -9.12 -11.48
CA LEU A 232 -1.31 -9.12 -10.46
C LEU A 232 -0.86 -8.36 -9.21
N ALA A 233 0.39 -8.58 -8.74
CA ALA A 233 0.90 -7.87 -7.56
C ALA A 233 0.93 -6.35 -7.79
N ASP A 234 1.50 -5.89 -8.94
CA ASP A 234 1.62 -4.46 -9.21
C ASP A 234 0.27 -3.82 -9.53
N SER A 235 -0.68 -4.57 -10.12
CA SER A 235 -2.05 -4.07 -10.37
C SER A 235 -2.75 -3.84 -9.04
N CYS A 236 -2.56 -4.79 -8.08
CA CYS A 236 -3.10 -4.68 -6.73
C CYS A 236 -2.50 -3.49 -6.00
N TRP A 237 -1.16 -3.29 -6.14
CA TRP A 237 -0.50 -2.13 -5.51
C TRP A 237 -1.12 -0.84 -6.06
N ALA A 238 -1.31 -0.74 -7.40
CA ALA A 238 -1.94 0.45 -8.03
C ALA A 238 -3.32 0.72 -7.41
N ILE A 239 -4.16 -0.34 -7.26
CA ILE A 239 -5.49 -0.25 -6.66
C ILE A 239 -5.37 0.19 -5.20
N SER A 240 -4.38 -0.36 -4.45
CA SER A 240 -4.15 0.04 -3.06
C SER A 240 -3.81 1.55 -2.94
N TYR A 241 -3.08 2.10 -3.93
CA TYR A 241 -2.75 3.53 -3.92
C TYR A 241 -4.00 4.37 -4.16
N LEU A 242 -4.80 3.97 -5.16
CA LEU A 242 -5.99 4.73 -5.57
C LEU A 242 -7.10 4.75 -4.49
N THR A 243 -7.15 3.71 -3.64
CA THR A 243 -8.16 3.58 -2.58
C THR A 243 -7.66 4.14 -1.26
N ASP A 244 -6.39 4.58 -1.20
CA ASP A 244 -5.82 5.20 -0.01
C ASP A 244 -6.15 6.70 -0.05
N GLY A 245 -7.39 7.04 0.27
CA GLY A 245 -7.82 8.43 0.23
C GLY A 245 -9.27 8.65 0.66
N PRO A 246 -9.86 9.84 0.37
CA PRO A 246 -11.27 10.08 0.75
C PRO A 246 -12.24 9.14 0.03
N ASN A 247 -13.50 9.09 0.49
CA ASN A 247 -14.56 8.21 -0.02
C ASN A 247 -14.78 8.36 -1.54
N GLU A 248 -14.60 9.58 -2.10
CA GLU A 248 -14.76 9.87 -3.53
C GLU A 248 -13.71 9.10 -4.34
N ARG A 249 -12.47 8.97 -3.81
CA ARG A 249 -11.38 8.23 -4.45
C ARG A 249 -11.69 6.72 -4.42
N ILE A 250 -12.14 6.21 -3.27
CA ILE A 250 -12.54 4.81 -3.10
C ILE A 250 -13.71 4.49 -4.07
N GLU A 251 -14.70 5.39 -4.16
CA GLU A 251 -15.87 5.20 -5.02
C GLU A 251 -15.50 4.98 -6.50
N MET A 252 -14.52 5.74 -7.02
CA MET A 252 -14.07 5.61 -8.43
C MET A 252 -13.63 4.19 -8.74
N VAL A 253 -12.96 3.55 -7.77
CA VAL A 253 -12.45 2.19 -7.87
C VAL A 253 -13.59 1.17 -7.73
N VAL A 254 -14.35 1.25 -6.63
CA VAL A 254 -15.44 0.33 -6.26
C VAL A 254 -16.51 0.29 -7.37
N LYS A 255 -16.82 1.45 -7.97
CA LYS A 255 -17.79 1.59 -9.08
C LYS A 255 -17.36 0.75 -10.31
N LYS A 256 -16.05 0.45 -10.46
CA LYS A 256 -15.53 -0.35 -11.58
C LYS A 256 -15.77 -1.88 -11.39
N GLY A 257 -16.34 -2.27 -10.25
CA GLY A 257 -16.69 -3.65 -9.93
C GLY A 257 -15.53 -4.57 -9.65
N VAL A 258 -14.39 -4.02 -9.22
CA VAL A 258 -13.16 -4.78 -8.94
C VAL A 258 -13.18 -5.52 -7.59
N VAL A 259 -14.06 -5.15 -6.63
CA VAL A 259 -14.04 -5.73 -5.28
C VAL A 259 -14.07 -7.31 -5.31
N PRO A 260 -14.96 -8.00 -6.07
CA PRO A 260 -14.89 -9.47 -6.10
C PRO A 260 -13.53 -10.01 -6.59
N GLN A 261 -12.90 -9.36 -7.60
CA GLN A 261 -11.58 -9.81 -8.07
C GLN A 261 -10.51 -9.57 -6.98
N LEU A 262 -10.60 -8.46 -6.23
CA LEU A 262 -9.67 -8.20 -5.12
C LEU A 262 -9.79 -9.27 -4.03
N VAL A 263 -11.04 -9.71 -3.74
CA VAL A 263 -11.31 -10.75 -2.74
C VAL A 263 -10.75 -12.10 -3.24
N LYS A 264 -10.84 -12.36 -4.56
CA LYS A 264 -10.27 -13.58 -5.15
C LYS A 264 -8.73 -13.59 -4.93
N LEU A 265 -8.08 -12.45 -5.17
CA LEU A 265 -6.63 -12.30 -5.02
C LEU A 265 -6.22 -12.32 -3.55
N LEU A 266 -7.11 -11.88 -2.64
CA LEU A 266 -6.89 -11.92 -1.20
C LEU A 266 -6.68 -13.37 -0.74
N GLY A 267 -7.28 -14.30 -1.48
CA GLY A 267 -7.17 -15.74 -1.24
C GLY A 267 -6.03 -16.42 -2.00
N ALA A 268 -5.17 -15.66 -2.72
CA ALA A 268 -4.04 -16.21 -3.49
C ALA A 268 -2.99 -16.86 -2.58
N THR A 269 -2.17 -17.78 -3.13
CA THR A 269 -1.14 -18.46 -2.33
C THR A 269 0.11 -17.59 -2.26
N GLU A 270 0.32 -16.74 -3.27
CA GLU A 270 1.50 -15.88 -3.35
C GLU A 270 1.36 -14.67 -2.43
N LEU A 271 2.28 -14.58 -1.44
CA LEU A 271 2.37 -13.45 -0.50
C LEU A 271 2.53 -12.11 -1.25
N PRO A 272 3.32 -11.99 -2.37
CA PRO A 272 3.39 -10.69 -3.07
C PRO A 272 2.05 -10.24 -3.65
N ILE A 273 1.06 -11.14 -3.79
CA ILE A 273 -0.28 -10.79 -4.29
C ILE A 273 -1.19 -10.48 -3.09
N VAL A 274 -1.20 -11.35 -2.06
CA VAL A 274 -2.05 -11.17 -0.87
C VAL A 274 -1.77 -9.81 -0.20
N THR A 275 -0.49 -9.42 -0.05
CA THR A 275 -0.09 -8.17 0.64
C THR A 275 -0.83 -6.93 0.04
N PRO A 276 -0.71 -6.58 -1.29
CA PRO A 276 -1.45 -5.41 -1.80
C PRO A 276 -2.95 -5.65 -1.92
N ALA A 277 -3.43 -6.90 -2.17
CA ALA A 277 -4.88 -7.16 -2.21
C ALA A 277 -5.51 -6.85 -0.83
N LEU A 278 -4.81 -7.22 0.26
CA LEU A 278 -5.28 -6.93 1.63
C LEU A 278 -5.23 -5.41 1.91
N ARG A 279 -4.15 -4.74 1.48
CA ARG A 279 -4.04 -3.29 1.62
C ARG A 279 -5.22 -2.59 0.95
N ALA A 280 -5.55 -3.00 -0.30
CA ALA A 280 -6.65 -2.40 -1.07
C ALA A 280 -7.98 -2.62 -0.38
N ILE A 281 -8.25 -3.85 0.08
CA ILE A 281 -9.49 -4.20 0.79
C ILE A 281 -9.58 -3.37 2.09
N GLY A 282 -8.46 -3.30 2.83
CA GLY A 282 -8.35 -2.54 4.06
C GLY A 282 -8.66 -1.07 3.82
N ASN A 283 -8.13 -0.50 2.72
CA ASN A 283 -8.40 0.89 2.34
C ASN A 283 -9.87 1.12 2.00
N ILE A 284 -10.49 0.17 1.28
CA ILE A 284 -11.91 0.30 0.87
C ILE A 284 -12.83 0.34 2.12
N VAL A 285 -12.53 -0.48 3.15
CA VAL A 285 -13.38 -0.53 4.36
C VAL A 285 -13.16 0.70 5.27
N THR A 286 -12.24 1.63 4.92
CA THR A 286 -12.12 2.90 5.67
C THR A 286 -13.20 3.87 5.15
N GLY A 287 -13.87 3.48 4.05
CA GLY A 287 -14.88 4.28 3.39
C GLY A 287 -16.25 4.28 4.03
N THR A 288 -17.30 4.46 3.19
CA THR A 288 -18.69 4.51 3.65
C THR A 288 -19.15 3.11 4.05
N ASP A 289 -20.31 3.02 4.71
CA ASP A 289 -20.91 1.75 5.11
C ASP A 289 -21.23 0.92 3.86
N GLU A 290 -21.65 1.61 2.77
CA GLU A 290 -22.00 1.00 1.49
C GLU A 290 -20.76 0.43 0.79
N GLN A 291 -19.61 1.14 0.84
CA GLN A 291 -18.36 0.64 0.26
C GLN A 291 -17.87 -0.55 1.07
N THR A 292 -17.99 -0.48 2.42
CA THR A 292 -17.63 -1.58 3.32
C THR A 292 -18.51 -2.80 3.00
N GLN A 293 -19.81 -2.57 2.73
CA GLN A 293 -20.76 -3.66 2.43
C GLN A 293 -20.36 -4.44 1.17
N LYS A 294 -19.80 -3.76 0.16
CA LYS A 294 -19.36 -4.40 -1.09
C LYS A 294 -18.27 -5.42 -0.80
N VAL A 295 -17.40 -5.11 0.16
CA VAL A 295 -16.32 -6.00 0.58
C VAL A 295 -16.93 -7.27 1.24
N ILE A 296 -17.90 -7.09 2.16
CA ILE A 296 -18.56 -8.21 2.85
C ILE A 296 -19.35 -9.08 1.85
N ASP A 297 -20.11 -8.42 0.92
CA ASP A 297 -20.93 -9.08 -0.09
C ASP A 297 -20.10 -9.97 -1.02
N ALA A 298 -18.85 -9.56 -1.30
CA ALA A 298 -17.96 -10.30 -2.19
C ALA A 298 -17.31 -11.52 -1.47
N GLY A 299 -17.62 -11.72 -0.19
CA GLY A 299 -17.14 -12.86 0.59
C GLY A 299 -15.77 -12.73 1.23
N ALA A 300 -15.30 -11.48 1.45
CA ALA A 300 -13.98 -11.24 2.04
C ALA A 300 -13.80 -11.84 3.43
N LEU A 301 -14.85 -11.84 4.28
CA LEU A 301 -14.74 -12.32 5.65
C LEU A 301 -14.36 -13.81 5.75
N ALA A 302 -14.68 -14.62 4.71
CA ALA A 302 -14.36 -16.05 4.70
C ALA A 302 -12.84 -16.30 4.65
N VAL A 303 -12.02 -15.31 4.24
CA VAL A 303 -10.55 -15.44 4.14
C VAL A 303 -9.88 -15.07 5.49
N PHE A 304 -10.60 -14.36 6.37
CA PHE A 304 -10.03 -13.81 7.61
C PHE A 304 -9.60 -14.88 8.65
N PRO A 305 -10.15 -16.11 8.78
CA PRO A 305 -9.54 -17.08 9.70
C PRO A 305 -8.06 -17.33 9.35
N SER A 306 -7.71 -17.42 8.03
CA SER A 306 -6.32 -17.63 7.64
C SER A 306 -5.49 -16.34 7.76
N LEU A 307 -6.06 -15.19 7.39
CA LEU A 307 -5.33 -13.91 7.48
C LEU A 307 -5.01 -13.55 8.92
N LEU A 308 -5.95 -13.77 9.85
CA LEU A 308 -5.75 -13.42 11.26
C LEU A 308 -4.82 -14.40 11.99
N THR A 309 -4.40 -15.49 11.34
CA THR A 309 -3.45 -16.46 11.89
C THR A 309 -2.24 -16.58 10.94
N ASN A 310 -2.11 -15.66 9.97
CA ASN A 310 -1.05 -15.72 8.97
C ASN A 310 0.37 -15.65 9.61
N PRO A 311 1.34 -16.52 9.20
CA PRO A 311 2.68 -16.45 9.80
C PRO A 311 3.44 -15.12 9.55
N LYS A 312 3.00 -14.29 8.56
CA LYS A 312 3.63 -12.99 8.31
C LYS A 312 2.96 -11.97 9.22
N THR A 313 3.74 -11.35 10.12
CA THR A 313 3.19 -10.40 11.12
C THR A 313 2.48 -9.21 10.45
N ASN A 314 3.01 -8.70 9.33
CA ASN A 314 2.37 -7.56 8.64
C ASN A 314 0.98 -7.92 8.09
N ILE A 315 0.79 -9.18 7.64
CA ILE A 315 -0.52 -9.65 7.15
C ILE A 315 -1.49 -9.71 8.32
N GLN A 316 -1.08 -10.31 9.45
CA GLN A 316 -1.96 -10.39 10.64
C GLN A 316 -2.34 -9.01 11.11
N LYS A 317 -1.36 -8.09 11.12
CA LYS A 317 -1.55 -6.73 11.58
C LYS A 317 -2.57 -5.96 10.70
N GLU A 318 -2.39 -5.99 9.36
CA GLU A 318 -3.27 -5.28 8.42
C GLU A 318 -4.63 -5.97 8.31
N ALA A 319 -4.67 -7.29 8.51
CA ALA A 319 -5.97 -7.98 8.53
C ALA A 319 -6.76 -7.58 9.80
N THR A 320 -6.07 -7.37 10.94
CA THR A 320 -6.73 -6.96 12.19
C THR A 320 -7.20 -5.49 12.06
N TRP A 321 -6.40 -4.64 11.39
CA TRP A 321 -6.75 -3.25 11.10
C TRP A 321 -8.04 -3.24 10.22
N THR A 322 -8.09 -4.10 9.18
CA THR A 322 -9.25 -4.24 8.30
C THR A 322 -10.50 -4.64 9.14
N MET A 323 -10.34 -5.60 10.05
CA MET A 323 -11.42 -6.07 10.95
C MET A 323 -11.92 -4.92 11.81
N SER A 324 -11.00 -4.07 12.31
CA SER A 324 -11.32 -2.93 13.16
C SER A 324 -12.21 -1.92 12.41
N ASN A 325 -12.01 -1.77 11.10
CA ASN A 325 -12.82 -0.84 10.31
C ASN A 325 -14.17 -1.45 9.95
N ILE A 326 -14.26 -2.78 9.91
CA ILE A 326 -15.53 -3.46 9.67
C ILE A 326 -16.34 -3.41 10.99
N THR A 327 -15.68 -3.61 12.17
CA THR A 327 -16.41 -3.54 13.46
C THR A 327 -16.80 -2.09 13.78
N ALA A 328 -16.25 -1.11 13.01
CA ALA A 328 -16.63 0.29 13.11
C ALA A 328 -17.87 0.57 12.25
N GLY A 329 -18.42 -0.48 11.62
CA GLY A 329 -19.59 -0.33 10.75
C GLY A 329 -20.94 -0.47 11.45
N ARG A 330 -21.98 -0.78 10.64
CA ARG A 330 -23.35 -0.96 11.08
C ARG A 330 -23.49 -2.23 11.92
N GLN A 331 -24.60 -2.33 12.67
CA GLN A 331 -24.88 -3.52 13.49
C GLN A 331 -25.02 -4.78 12.63
N ASP A 332 -25.55 -4.66 11.39
CA ASP A 332 -25.66 -5.82 10.49
C ASP A 332 -24.27 -6.25 9.98
N GLN A 333 -23.30 -5.31 9.95
CA GLN A 333 -21.93 -5.63 9.51
C GLN A 333 -21.17 -6.29 10.66
N ILE A 334 -21.40 -5.82 11.91
CA ILE A 334 -20.83 -6.45 13.10
C ILE A 334 -21.40 -7.89 13.16
N GLN A 335 -22.70 -8.07 12.82
CA GLN A 335 -23.35 -9.39 12.82
C GLN A 335 -22.69 -10.38 11.84
N GLN A 336 -22.22 -9.88 10.68
CA GLN A 336 -21.55 -10.71 9.66
C GLN A 336 -20.20 -11.21 10.18
N VAL A 337 -19.50 -10.37 10.97
CA VAL A 337 -18.22 -10.73 11.66
C VAL A 337 -18.54 -11.89 12.61
N VAL A 338 -19.64 -11.76 13.37
CA VAL A 338 -20.09 -12.81 14.30
C VAL A 338 -20.42 -14.10 13.51
N ASN A 339 -21.26 -13.99 12.45
CA ASN A 339 -21.73 -15.13 11.65
C ASN A 339 -20.59 -15.91 11.01
N HIS A 340 -19.52 -15.21 10.60
CA HIS A 340 -18.35 -15.84 9.98
C HIS A 340 -17.40 -16.50 11.00
N GLY A 341 -17.77 -16.45 12.29
CA GLY A 341 -16.97 -17.04 13.37
C GLY A 341 -15.66 -16.31 13.62
N LEU A 342 -15.64 -14.99 13.39
CA LEU A 342 -14.41 -14.22 13.50
C LEU A 342 -14.15 -13.63 14.88
N VAL A 343 -15.16 -13.62 15.78
CA VAL A 343 -14.95 -13.10 17.14
C VAL A 343 -13.90 -13.99 17.88
N PRO A 344 -13.97 -15.34 17.84
CA PRO A 344 -12.87 -16.14 18.45
C PRO A 344 -11.49 -15.82 17.86
N PHE A 345 -11.41 -15.45 16.55
CA PHE A 345 -10.14 -15.08 15.92
C PHE A 345 -9.63 -13.74 16.46
N LEU A 346 -10.55 -12.82 16.81
CA LEU A 346 -10.18 -11.54 17.43
C LEU A 346 -9.70 -11.75 18.88
N VAL A 347 -10.33 -12.69 19.60
CA VAL A 347 -9.90 -13.08 20.96
C VAL A 347 -8.46 -13.64 20.85
N GLY A 348 -8.23 -14.43 19.79
CA GLY A 348 -6.93 -15.03 19.49
C GLY A 348 -5.81 -14.01 19.34
N VAL A 349 -5.97 -13.04 18.41
CA VAL A 349 -4.95 -11.99 18.15
C VAL A 349 -4.78 -11.06 19.38
N LEU A 350 -5.86 -10.81 20.12
CA LEU A 350 -5.75 -10.02 21.34
C LEU A 350 -4.93 -10.78 22.41
N SER A 351 -5.09 -12.12 22.46
CA SER A 351 -4.39 -12.98 23.44
C SER A 351 -2.90 -13.10 23.13
N LYS A 352 -2.55 -13.32 21.85
CA LYS A 352 -1.17 -13.53 21.44
C LYS A 352 -0.99 -13.12 20.00
N ALA A 353 -0.05 -12.20 19.80
CA ALA A 353 0.34 -11.64 18.50
C ALA A 353 1.43 -10.62 18.73
N ASP A 354 2.04 -10.11 17.66
CA ASP A 354 3.00 -9.02 17.80
C ASP A 354 2.22 -7.82 18.39
N PHE A 355 2.86 -6.99 19.23
CA PHE A 355 2.18 -5.88 19.89
C PHE A 355 1.38 -4.97 18.92
N LYS A 356 1.93 -4.68 17.72
CA LYS A 356 1.24 -3.83 16.74
C LYS A 356 -0.13 -4.43 16.35
N THR A 357 -0.20 -5.77 16.21
CA THR A 357 -1.42 -6.51 15.88
C THR A 357 -2.37 -6.47 17.08
N GLN A 358 -1.83 -6.62 18.31
CA GLN A 358 -2.62 -6.57 19.55
C GLN A 358 -3.28 -5.20 19.71
N LYS A 359 -2.56 -4.11 19.34
CA LYS A 359 -3.10 -2.75 19.39
C LYS A 359 -4.28 -2.62 18.41
N GLU A 360 -4.16 -3.22 17.22
CA GLU A 360 -5.23 -3.20 16.22
C GLU A 360 -6.42 -4.05 16.70
N ALA A 361 -6.12 -5.13 17.43
CA ALA A 361 -7.17 -6.01 17.98
C ALA A 361 -7.95 -5.25 19.05
N ALA A 362 -7.26 -4.45 19.87
CA ALA A 362 -7.89 -3.60 20.89
C ALA A 362 -8.85 -2.61 20.23
N TRP A 363 -8.42 -1.99 19.10
CA TRP A 363 -9.27 -1.08 18.30
C TRP A 363 -10.50 -1.81 17.75
N ALA A 364 -10.32 -3.04 17.21
CA ALA A 364 -11.42 -3.85 16.68
C ALA A 364 -12.49 -4.11 17.77
N ILE A 365 -12.03 -4.41 19.00
CA ILE A 365 -12.92 -4.66 20.15
C ILE A 365 -13.64 -3.38 20.58
N THR A 366 -12.90 -2.25 20.72
CA THR A 366 -13.51 -0.98 21.13
C THR A 366 -14.55 -0.51 20.09
N ASN A 367 -14.28 -0.72 18.79
CA ASN A 367 -15.23 -0.34 17.74
C ASN A 367 -16.50 -1.22 17.79
N TYR A 368 -16.31 -2.53 17.99
CA TYR A 368 -17.39 -3.52 18.12
C TYR A 368 -18.28 -3.16 19.31
N THR A 369 -17.68 -2.85 20.49
CA THR A 369 -18.42 -2.51 21.70
C THR A 369 -19.10 -1.14 21.59
N SER A 370 -18.55 -0.23 20.75
CA SER A 370 -19.15 1.09 20.53
C SER A 370 -20.43 1.00 19.69
N GLY A 371 -20.41 0.20 18.63
CA GLY A 371 -21.54 0.10 17.71
C GLY A 371 -22.44 -1.11 17.84
N GLY A 372 -22.03 -2.11 18.62
CA GLY A 372 -22.77 -3.35 18.76
C GLY A 372 -24.02 -3.28 19.62
N THR A 373 -24.93 -4.26 19.41
CA THR A 373 -26.14 -4.43 20.23
C THR A 373 -25.70 -5.05 21.55
N VAL A 374 -26.58 -5.07 22.56
CA VAL A 374 -26.28 -5.71 23.85
C VAL A 374 -25.95 -7.21 23.61
N GLU A 375 -26.76 -7.90 22.77
CA GLU A 375 -26.60 -9.32 22.41
C GLU A 375 -25.23 -9.58 21.78
N GLN A 376 -24.76 -8.68 20.89
CA GLN A 376 -23.45 -8.81 20.26
C GLN A 376 -22.32 -8.63 21.29
N ILE A 377 -22.48 -7.67 22.24
CA ILE A 377 -21.49 -7.40 23.28
C ILE A 377 -21.43 -8.58 24.27
N VAL A 378 -22.60 -9.15 24.63
CA VAL A 378 -22.72 -10.32 25.52
C VAL A 378 -21.95 -11.51 24.88
N TYR A 379 -22.14 -11.70 23.56
CA TYR A 379 -21.48 -12.75 22.79
C TYR A 379 -19.93 -12.60 22.84
N LEU A 380 -19.44 -11.36 22.75
CA LEU A 380 -18.01 -11.04 22.80
C LEU A 380 -17.39 -11.50 24.15
N VAL A 381 -18.10 -11.23 25.27
CA VAL A 381 -17.68 -11.63 26.61
C VAL A 381 -17.70 -13.17 26.72
N HIS A 382 -18.76 -13.81 26.21
CA HIS A 382 -18.91 -15.27 26.23
C HIS A 382 -17.76 -15.96 25.43
N CYS A 383 -17.17 -15.26 24.44
CA CYS A 383 -16.04 -15.78 23.64
C CYS A 383 -14.70 -15.64 24.38
N GLY A 384 -14.71 -14.99 25.55
CA GLY A 384 -13.53 -14.83 26.39
C GLY A 384 -12.69 -13.58 26.15
N ILE A 385 -13.32 -12.46 25.78
CA ILE A 385 -12.57 -11.22 25.51
C ILE A 385 -11.97 -10.56 26.78
N ILE A 386 -12.58 -10.74 27.96
CA ILE A 386 -12.22 -10.02 29.18
C ILE A 386 -10.76 -10.26 29.61
N GLU A 387 -10.35 -11.51 29.83
CA GLU A 387 -8.99 -11.82 30.29
C GLU A 387 -7.90 -11.23 29.34
N PRO A 388 -7.88 -11.48 28.00
CA PRO A 388 -6.82 -10.88 27.17
C PRO A 388 -6.87 -9.34 27.11
N LEU A 389 -8.07 -8.74 27.23
CA LEU A 389 -8.25 -7.29 27.25
C LEU A 389 -7.61 -6.71 28.53
N MET A 390 -7.78 -7.41 29.68
CA MET A 390 -7.19 -6.99 30.96
C MET A 390 -5.68 -7.19 30.96
N ASN A 391 -5.17 -8.31 30.39
CA ASN A 391 -3.73 -8.60 30.34
C ASN A 391 -2.96 -7.50 29.61
N LEU A 392 -3.58 -6.87 28.60
CA LEU A 392 -2.96 -5.79 27.81
C LEU A 392 -2.96 -4.44 28.54
N LEU A 393 -3.55 -4.34 29.75
CA LEU A 393 -3.52 -3.09 30.52
C LEU A 393 -2.14 -2.88 31.18
N SER A 394 -1.22 -3.86 31.02
CA SER A 394 0.14 -3.85 31.54
C SER A 394 1.14 -3.26 30.50
N ALA A 395 0.67 -3.06 29.26
CA ALA A 395 1.49 -2.55 28.16
C ALA A 395 1.92 -1.10 28.40
N LYS A 396 3.14 -0.76 27.96
CA LYS A 396 3.70 0.60 28.09
C LYS A 396 3.46 1.35 26.77
N ASP A 397 2.17 1.65 26.52
CA ASP A 397 1.63 2.36 25.37
C ASP A 397 0.33 2.98 25.84
N THR A 398 0.33 4.31 26.03
CA THR A 398 -0.83 5.05 26.56
C THR A 398 -2.07 4.92 25.65
N LYS A 399 -1.85 4.89 24.31
CA LYS A 399 -2.91 4.76 23.31
C LYS A 399 -3.69 3.46 23.46
N ILE A 400 -3.01 2.30 23.66
CA ILE A 400 -3.72 1.02 23.82
C ILE A 400 -4.51 1.02 25.15
N ILE A 401 -3.97 1.66 26.22
CA ILE A 401 -4.63 1.75 27.53
C ILE A 401 -5.96 2.51 27.36
N GLN A 402 -5.94 3.68 26.68
CA GLN A 402 -7.12 4.50 26.39
C GLN A 402 -8.20 3.72 25.65
N VAL A 403 -7.81 2.99 24.59
CA VAL A 403 -8.68 2.18 23.75
C VAL A 403 -9.32 1.04 24.57
N ILE A 404 -8.53 0.33 25.42
CA ILE A 404 -9.03 -0.79 26.25
C ILE A 404 -10.01 -0.26 27.33
N LEU A 405 -9.67 0.87 28.00
CA LEU A 405 -10.54 1.45 29.03
C LEU A 405 -11.90 1.87 28.44
N ASP A 406 -11.91 2.35 27.18
CA ASP A 406 -13.13 2.72 26.47
C ASP A 406 -13.97 1.45 26.20
N ALA A 407 -13.31 0.33 25.81
CA ALA A 407 -13.99 -0.95 25.57
C ALA A 407 -14.63 -1.48 26.86
N ILE A 408 -13.92 -1.38 28.01
CA ILE A 408 -14.41 -1.80 29.35
C ILE A 408 -15.69 -1.04 29.70
N SER A 409 -15.68 0.30 29.48
CA SER A 409 -16.82 1.18 29.76
C SER A 409 -18.02 0.80 28.89
N ASN A 410 -17.79 0.51 27.59
CA ASN A 410 -18.83 0.08 26.65
C ASN A 410 -19.46 -1.25 27.06
N ILE A 411 -18.63 -2.21 27.54
CA ILE A 411 -19.10 -3.54 27.99
C ILE A 411 -19.91 -3.37 29.29
N PHE A 412 -19.46 -2.48 30.21
CA PHE A 412 -20.17 -2.20 31.46
C PHE A 412 -21.53 -1.57 31.17
N GLN A 413 -21.61 -0.70 30.14
CA GLN A 413 -22.86 -0.05 29.71
C GLN A 413 -23.88 -1.09 29.22
N ALA A 414 -23.42 -2.15 28.52
CA ALA A 414 -24.27 -3.26 28.07
C ALA A 414 -24.75 -4.07 29.27
N ALA A 415 -23.84 -4.35 30.24
CA ALA A 415 -24.12 -5.10 31.46
C ALA A 415 -25.10 -4.33 32.36
N GLU A 416 -25.07 -2.99 32.32
CA GLU A 416 -25.98 -2.09 33.07
C GLU A 416 -27.42 -2.30 32.60
N LYS A 417 -27.61 -2.47 31.27
CA LYS A 417 -28.91 -2.67 30.62
C LYS A 417 -29.51 -4.03 31.00
N LEU A 418 -28.67 -5.02 31.34
CA LEU A 418 -29.11 -6.36 31.73
C LEU A 418 -29.08 -6.57 33.26
N GLY A 419 -28.60 -5.56 34.00
CA GLY A 419 -28.44 -5.61 35.46
C GLY A 419 -27.43 -6.66 35.89
N GLU A 420 -26.36 -6.83 35.08
CA GLU A 420 -25.33 -7.85 35.29
C GLU A 420 -23.92 -7.21 35.47
N THR A 421 -23.85 -5.99 36.05
CA THR A 421 -22.58 -5.29 36.29
C THR A 421 -21.71 -6.02 37.32
N GLU A 422 -22.33 -6.70 38.30
CA GLU A 422 -21.67 -7.44 39.37
C GLU A 422 -20.94 -8.66 38.81
N LYS A 423 -21.58 -9.41 37.89
CA LYS A 423 -21.00 -10.59 37.22
C LYS A 423 -19.74 -10.20 36.45
N LEU A 424 -19.76 -9.02 35.79
CA LEU A 424 -18.64 -8.48 35.02
C LEU A 424 -17.53 -7.98 35.96
N SER A 425 -17.91 -7.31 37.07
CA SER A 425 -16.96 -6.81 38.07
C SER A 425 -16.11 -7.95 38.66
N ILE A 426 -16.77 -9.08 39.02
CA ILE A 426 -16.13 -10.27 39.58
C ILE A 426 -15.23 -10.91 38.51
N MET A 427 -15.69 -10.95 37.25
CA MET A 427 -14.93 -11.49 36.12
C MET A 427 -13.61 -10.73 35.93
N ILE A 428 -13.66 -9.38 36.01
CA ILE A 428 -12.50 -8.50 35.89
C ILE A 428 -11.60 -8.68 37.12
N GLU A 429 -12.21 -8.83 38.32
CA GLU A 429 -11.48 -9.04 39.58
C GLU A 429 -10.67 -10.34 39.57
N GLU A 430 -11.30 -11.47 39.16
CA GLU A 430 -10.73 -12.82 39.13
C GLU A 430 -9.50 -12.96 38.22
N CYS A 431 -9.47 -12.28 37.05
CA CYS A 431 -8.32 -12.39 36.13
C CYS A 431 -7.23 -11.32 36.41
N GLY A 432 -7.36 -10.60 37.52
CA GLY A 432 -6.41 -9.58 37.96
C GLY A 432 -6.54 -8.25 37.26
N GLY A 433 -7.71 -8.00 36.66
CA GLY A 433 -8.02 -6.77 35.95
C GLY A 433 -8.21 -5.58 36.85
N LEU A 434 -8.81 -5.81 38.05
CA LEU A 434 -9.03 -4.78 39.07
C LEU A 434 -7.71 -4.15 39.52
N ASP A 435 -6.67 -4.99 39.75
CA ASP A 435 -5.34 -4.55 40.16
C ASP A 435 -4.70 -3.63 39.12
N LYS A 436 -4.95 -3.90 37.83
CA LYS A 436 -4.42 -3.11 36.72
C LYS A 436 -5.15 -1.76 36.59
N ILE A 437 -6.50 -1.73 36.71
CA ILE A 437 -7.31 -0.51 36.61
C ILE A 437 -7.01 0.43 37.80
N GLU A 438 -6.88 -0.14 39.02
CA GLU A 438 -6.57 0.60 40.26
C GLU A 438 -5.21 1.30 40.16
N ALA A 439 -4.19 0.60 39.63
CA ALA A 439 -2.83 1.14 39.44
C ALA A 439 -2.80 2.25 38.39
N LEU A 440 -3.72 2.21 37.40
CA LEU A 440 -3.84 3.21 36.33
C LEU A 440 -4.46 4.54 36.81
N GLN A 441 -4.92 4.61 38.08
CA GLN A 441 -5.48 5.84 38.67
C GLN A 441 -4.37 6.86 38.94
N ARG A 442 -3.10 6.40 39.00
CA ARG A 442 -1.91 7.22 39.26
C ARG A 442 -1.02 7.30 38.00
N HIS A 443 -1.62 7.16 36.81
CA HIS A 443 -0.95 7.21 35.51
C HIS A 443 -0.68 8.67 35.10
N GLU A 444 0.40 8.89 34.33
CA GLU A 444 0.84 10.21 33.85
C GLU A 444 -0.18 10.88 32.91
N ASN A 445 -0.92 10.08 32.10
CA ASN A 445 -1.92 10.60 31.15
C ASN A 445 -3.25 10.92 31.85
N GLU A 446 -3.80 12.12 31.55
CA GLU A 446 -5.05 12.68 32.07
C GLU A 446 -6.26 11.79 31.76
N SER A 447 -6.45 11.42 30.49
CA SER A 447 -7.58 10.60 30.00
C SER A 447 -7.59 9.21 30.64
N VAL A 448 -6.41 8.60 30.88
CA VAL A 448 -6.25 7.28 31.50
C VAL A 448 -6.65 7.37 32.98
N TYR A 449 -6.13 8.40 33.68
CA TYR A 449 -6.36 8.74 35.08
C TYR A 449 -7.87 8.88 35.35
N LYS A 450 -8.57 9.70 34.53
CA LYS A 450 -10.00 9.99 34.64
C LYS A 450 -10.87 8.75 34.38
N ALA A 451 -10.62 8.01 33.28
CA ALA A 451 -11.37 6.82 32.89
C ALA A 451 -11.24 5.67 33.91
N SER A 452 -10.03 5.47 34.47
CA SER A 452 -9.75 4.42 35.45
C SER A 452 -10.37 4.74 36.82
N LEU A 453 -10.33 6.02 37.26
CA LEU A 453 -10.94 6.46 38.52
C LEU A 453 -12.47 6.29 38.44
N ASN A 454 -13.06 6.60 37.25
CA ASN A 454 -14.48 6.49 36.95
C ASN A 454 -14.98 5.03 37.08
N LEU A 455 -14.24 4.05 36.52
CA LEU A 455 -14.61 2.63 36.56
C LEU A 455 -14.58 2.08 37.99
N ILE A 456 -13.55 2.44 38.78
CA ILE A 456 -13.40 2.02 40.18
C ILE A 456 -14.58 2.56 41.00
N GLU A 457 -14.88 3.88 40.88
CA GLU A 457 -15.96 4.55 41.61
C GLU A 457 -17.36 4.04 41.22
N LYS A 458 -17.57 3.72 39.93
CA LYS A 458 -18.87 3.29 39.43
C LYS A 458 -19.15 1.79 39.65
N TYR A 459 -18.13 0.91 39.52
CA TYR A 459 -18.36 -0.54 39.57
C TYR A 459 -17.49 -1.35 40.56
N PHE A 460 -16.45 -0.74 41.16
CA PHE A 460 -15.58 -1.50 42.06
C PHE A 460 -15.49 -0.87 43.47
N SER A 461 -16.62 -0.41 44.01
CA SER A 461 -16.68 0.20 45.34
C SER A 461 -17.99 -0.12 46.06
N SER B 1 -24.42 5.24 19.26
CA SER B 1 -22.97 5.39 19.11
C SER B 1 -22.40 4.37 18.10
N ARG B 2 -21.14 4.59 17.64
CA ARG B 2 -20.47 3.72 16.67
C ARG B 2 -18.95 3.85 16.73
N GLY B 3 -18.25 2.83 16.21
CA GLY B 3 -16.79 2.81 16.15
C GLY B 3 -16.23 3.83 15.19
N GLN B 4 -14.92 4.10 15.28
CA GLN B 4 -14.31 5.09 14.39
C GLN B 4 -13.47 4.42 13.30
N LYS B 5 -13.68 4.84 12.05
CA LYS B 5 -12.93 4.39 10.88
C LYS B 5 -11.57 5.01 10.92
N ARG B 6 -10.51 4.21 10.71
CA ARG B 6 -9.15 4.74 10.74
C ARG B 6 -8.39 4.37 9.47
N SER B 7 -7.81 5.38 8.79
CA SER B 7 -6.99 5.19 7.58
C SER B 7 -5.72 4.42 7.93
N PHE B 8 -4.99 3.94 6.91
CA PHE B 8 -3.71 3.26 7.10
C PHE B 8 -2.72 4.15 7.88
N SER B 9 -2.63 5.46 7.52
CA SER B 9 -1.73 6.39 8.21
C SER B 9 -2.18 6.67 9.65
N LYS B 10 -3.50 6.72 9.90
CA LYS B 10 -4.04 6.94 11.26
C LYS B 10 -3.66 5.76 12.18
N ALA B 11 -3.73 4.53 11.64
CA ALA B 11 -3.41 3.32 12.40
C ALA B 11 -1.92 3.12 12.61
N PHE B 12 -1.09 3.28 11.56
CA PHE B 12 0.31 2.91 11.63
C PHE B 12 1.34 4.05 11.47
N GLY B 13 0.92 5.21 10.96
CA GLY B 13 1.81 6.34 10.75
C GLY B 13 2.26 7.03 12.02
N GLN C 4 8.17 3.85 -6.32
CA GLN C 4 9.41 3.07 -6.22
C GLN C 4 10.23 3.25 -7.50
N LYS C 5 11.53 2.93 -7.43
CA LYS C 5 12.49 3.02 -8.54
C LYS C 5 13.24 1.70 -8.67
N ARG C 6 13.58 1.32 -9.91
CA ARG C 6 14.30 0.07 -10.17
C ARG C 6 15.31 0.25 -11.29
N SER C 7 16.56 -0.17 -11.04
CA SER C 7 17.64 -0.10 -12.04
C SER C 7 17.62 -1.34 -12.94
N PHE C 8 18.16 -1.20 -14.17
CA PHE C 8 18.28 -2.31 -15.12
C PHE C 8 19.73 -2.80 -15.06
N SER C 9 19.93 -3.94 -14.36
CA SER C 9 21.24 -4.56 -14.17
C SER C 9 21.51 -5.58 -15.27
#